data_2ZVA
#
_entry.id   2ZVA
#
_cell.length_a   127.378
_cell.length_b   127.378
_cell.length_c   55.619
_cell.angle_alpha   90.00
_cell.angle_beta   90.00
_cell.angle_gamma   120.00
#
_symmetry.space_group_name_H-M   'H 3'
#
loop_
_entity.id
_entity.type
_entity.pdbx_description
1 polymer 'Tyrosine-protein kinase Lyn'
2 non-polymer N-(2-CHLORO-6-METHYLPHENYL)-2-({6-[4-(2-HYDROXYETHYL)PIPERAZIN-1-YL]-2-METHYLPYRIMIDIN-4-YL}AMINO)-1,3-THIAZOLE-5-CARBOXAMIDE
3 water water
#
_entity_poly.entity_id   1
_entity_poly.type   'polypeptide(L)'
_entity_poly.pdbx_seq_one_letter_code
;GAMDPAWEIPRESIKLVKKLGAGQFGEVWMGYYNNSTKVAVKTLKPGTMSVQAFLEEANLMKTLQHDKLVRLYAVVTKEE
PIYIITEFMAKGSLLDFLKSDEGGKVLLPKLIDFSAQIAEGMAYIERKNYIHRDLRAANVLVSESLMCKIADFGLARVIE
DNEYTAREGAKFPIKWTAPEAINFGCFTIKSNVWSFGILLYEIVTYGKIPYPGRTNADVMSALSQGYRMPRMENCPDELY
DIMKMCWKEKAEERPTFDYLQSVLDDFYTATEGQYQQQP
;
_entity_poly.pdbx_strand_id   A
#
loop_
_chem_comp.id
_chem_comp.type
_chem_comp.name
_chem_comp.formula
1N1 non-polymer N-(2-CHLORO-6-METHYLPHENYL)-2-({6-[4-(2-HYDROXYETHYL)PIPERAZIN-1-YL]-2-METHYLPYRIMIDIN-4-YL}AMINO)-1,3-THIAZOLE-5-CARBOXAMIDE 'C22 H26 Cl N7 O2 S'
#
# COMPACT_ATOMS: atom_id res chain seq x y z
N PRO A 5 -20.82 -3.60 -14.77
CA PRO A 5 -21.77 -2.56 -14.39
C PRO A 5 -21.69 -1.34 -15.30
N ALA A 6 -22.16 -0.20 -14.82
CA ALA A 6 -21.51 1.08 -15.08
C ALA A 6 -20.21 1.20 -14.31
N TRP A 7 -19.27 0.30 -14.59
CA TRP A 7 -17.85 0.62 -14.56
C TRP A 7 -17.20 0.35 -15.90
N GLU A 8 -17.93 -0.32 -16.78
CA GLU A 8 -17.40 -0.70 -18.09
C GLU A 8 -17.36 0.50 -19.03
N ILE A 9 -16.25 0.67 -19.73
CA ILE A 9 -16.11 1.68 -20.78
C ILE A 9 -15.56 1.05 -22.07
N PRO A 10 -15.93 1.61 -23.24
CA PRO A 10 -15.36 1.18 -24.53
C PRO A 10 -13.83 1.30 -24.52
N ARG A 11 -13.17 0.36 -25.19
CA ARG A 11 -11.71 0.35 -25.30
C ARG A 11 -11.17 1.61 -25.99
N GLU A 12 -11.88 2.09 -27.00
CA GLU A 12 -11.45 3.22 -27.83
C GLU A 12 -11.28 4.52 -27.05
N SER A 13 -12.02 4.64 -25.95
CA SER A 13 -11.94 5.83 -25.09
C SER A 13 -10.73 5.78 -24.15
N ILE A 14 -9.78 4.90 -24.45
CA ILE A 14 -8.53 4.81 -23.70
C ILE A 14 -7.34 4.75 -24.64
N LYS A 15 -6.45 5.72 -24.51
CA LYS A 15 -5.20 5.76 -25.27
C LYS A 15 -4.01 5.58 -24.31
N LEU A 16 -3.25 4.50 -24.52
CA LEU A 16 -2.06 4.22 -23.72
C LEU A 16 -0.85 4.92 -24.34
N VAL A 17 -0.09 5.64 -23.51
CA VAL A 17 1.00 6.51 -23.98
C VAL A 17 2.41 6.05 -23.56
N LYS A 18 2.62 5.88 -22.26
CA LYS A 18 3.94 5.59 -21.69
C LYS A 18 3.90 4.40 -20.71
N LYS A 19 4.77 3.42 -20.94
CA LYS A 19 4.85 2.23 -20.09
C LYS A 19 5.65 2.54 -18.82
N LEU A 20 5.04 2.26 -17.67
CA LEU A 20 5.59 2.66 -16.37
C LEU A 20 6.20 1.50 -15.58
N GLY A 21 5.66 0.31 -15.79
CA GLY A 21 6.13 -0.89 -15.10
C GLY A 21 5.69 -2.16 -15.78
N ALA A 22 6.46 -3.23 -15.57
CA ALA A 22 6.14 -4.54 -16.15
C ALA A 22 6.28 -5.63 -15.11
N GLY A 23 5.18 -6.33 -14.85
CA GLY A 23 5.17 -7.46 -13.94
C GLY A 23 5.06 -8.77 -14.68
N GLN A 24 5.05 -9.87 -13.93
CA GLN A 24 4.83 -11.21 -14.46
C GLN A 24 3.41 -11.35 -15.03
N PHE A 25 2.47 -10.60 -14.45
CA PHE A 25 1.05 -10.73 -14.77
C PHE A 25 0.51 -9.62 -15.67
N GLY A 26 1.39 -8.70 -16.09
CA GLY A 26 0.99 -7.63 -16.99
C GLY A 26 1.79 -6.35 -16.89
N GLU A 27 1.15 -5.24 -17.25
CA GLU A 27 1.84 -3.96 -17.39
C GLU A 27 1.05 -2.80 -16.79
N VAL A 28 1.75 -1.70 -16.49
CA VAL A 28 1.12 -0.47 -16.01
C VAL A 28 1.47 0.66 -16.96
N TRP A 29 0.45 1.40 -17.39
CA TRP A 29 0.61 2.50 -18.34
C TRP A 29 0.01 3.80 -17.80
N MET A 30 0.59 4.92 -18.24
CA MET A 30 -0.05 6.22 -18.09
C MET A 30 -0.77 6.48 -19.40
N GLY A 31 -2.03 6.91 -19.32
CA GLY A 31 -2.82 7.16 -20.52
C GLY A 31 -3.86 8.25 -20.36
N TYR A 32 -4.88 8.23 -21.22
CA TYR A 32 -5.96 9.22 -21.18
C TYR A 32 -7.32 8.61 -21.45
N TYR A 33 -8.29 8.91 -20.58
CA TYR A 33 -9.69 8.61 -20.84
C TYR A 33 -10.38 9.76 -21.55
N ASN A 34 -10.68 9.57 -22.84
CA ASN A 34 -11.39 10.57 -23.62
C ASN A 34 -10.59 11.86 -23.76
N ASN A 35 -9.27 11.73 -23.92
CA ASN A 35 -8.42 12.88 -24.17
C ASN A 35 -8.29 13.77 -22.95
N SER A 36 -9.42 14.05 -22.30
CA SER A 36 -9.44 14.92 -21.13
C SER A 36 -8.62 14.41 -19.95
N THR A 37 -9.07 13.32 -19.35
CA THR A 37 -8.62 12.93 -18.01
C THR A 37 -7.40 12.01 -18.04
N LYS A 38 -6.33 12.44 -17.37
CA LYS A 38 -5.12 11.64 -17.20
C LYS A 38 -5.42 10.46 -16.27
N VAL A 39 -5.05 9.26 -16.71
CA VAL A 39 -5.35 8.02 -15.98
C VAL A 39 -4.16 7.06 -15.95
N ALA A 40 -4.23 6.07 -15.07
CA ALA A 40 -3.29 4.95 -15.05
C ALA A 40 -4.03 3.66 -15.43
N VAL A 41 -3.41 2.86 -16.30
CA VAL A 41 -4.03 1.64 -16.81
C VAL A 41 -3.19 0.42 -16.45
N LYS A 42 -3.81 -0.56 -15.78
CA LYS A 42 -3.16 -1.85 -15.54
C LYS A 42 -3.66 -2.87 -16.57
N THR A 43 -2.71 -3.52 -17.24
CA THR A 43 -2.97 -4.46 -18.31
C THR A 43 -2.76 -5.90 -17.84
N LEU A 44 -3.76 -6.76 -18.06
CA LEU A 44 -3.63 -8.19 -17.78
C LEU A 44 -3.00 -8.94 -18.97
N LYS A 45 -1.86 -9.58 -18.71
CA LYS A 45 -1.21 -10.43 -19.71
C LYS A 45 -1.95 -11.79 -19.75
N PRO A 46 -2.61 -12.08 -20.89
CA PRO A 46 -3.57 -13.18 -21.00
C PRO A 46 -3.01 -14.53 -20.59
N GLY A 47 -3.79 -15.28 -19.80
CA GLY A 47 -3.45 -16.66 -19.42
C GLY A 47 -2.63 -16.82 -18.16
N THR A 48 -1.82 -15.81 -17.83
CA THR A 48 -0.95 -15.84 -16.65
C THR A 48 -1.77 -15.79 -15.37
N MET A 49 -2.63 -14.79 -15.27
CA MET A 49 -3.69 -14.75 -14.26
C MET A 49 -5.01 -15.07 -14.93
N SER A 50 -5.91 -15.66 -14.15
CA SER A 50 -7.31 -15.71 -14.51
C SER A 50 -7.85 -14.28 -14.64
N VAL A 51 -8.84 -14.08 -15.51
CA VAL A 51 -9.48 -12.78 -15.65
C VAL A 51 -10.35 -12.50 -14.41
N GLN A 52 -10.98 -13.54 -13.88
CA GLN A 52 -11.70 -13.45 -12.60
C GLN A 52 -10.86 -12.79 -11.50
N ALA A 53 -9.69 -13.35 -11.22
CA ALA A 53 -8.84 -12.92 -10.10
C ALA A 53 -8.18 -11.57 -10.33
N PHE A 54 -7.87 -11.27 -11.59
CA PHE A 54 -7.29 -9.98 -11.93
C PHE A 54 -8.28 -8.84 -11.63
N LEU A 55 -9.56 -9.09 -11.88
CA LEU A 55 -10.62 -8.11 -11.68
C LEU A 55 -11.11 -8.05 -10.23
N GLU A 56 -10.81 -9.08 -9.45
CA GLU A 56 -11.13 -9.12 -8.03
C GLU A 56 -10.67 -7.82 -7.33
N GLU A 57 -9.50 -7.33 -7.72
CA GLU A 57 -8.98 -6.06 -7.20
C GLU A 57 -9.93 -4.90 -7.47
N ALA A 58 -10.35 -4.76 -8.73
CA ALA A 58 -11.24 -3.69 -9.14
C ALA A 58 -12.59 -3.78 -8.44
N ASN A 59 -13.18 -4.97 -8.41
CA ASN A 59 -14.46 -5.20 -7.75
C ASN A 59 -14.43 -4.72 -6.30
N LEU A 60 -13.32 -4.99 -5.62
CA LEU A 60 -13.09 -4.49 -4.27
C LEU A 60 -12.96 -2.96 -4.23
N MET A 61 -12.30 -2.38 -5.24
CA MET A 61 -12.12 -0.93 -5.31
C MET A 61 -13.43 -0.19 -5.62
N LYS A 62 -14.36 -0.89 -6.27
CA LYS A 62 -15.72 -0.37 -6.50
C LYS A 62 -16.38 0.02 -5.18
N THR A 63 -16.16 -0.81 -4.15
CA THR A 63 -16.76 -0.59 -2.84
C THR A 63 -15.83 0.18 -1.88
N LEU A 64 -14.58 0.39 -2.27
CA LEU A 64 -13.62 1.05 -1.39
C LEU A 64 -13.16 2.40 -1.95
N GLN A 65 -13.84 3.46 -1.54
CA GLN A 65 -13.65 4.78 -2.14
C GLN A 65 -13.47 5.90 -1.12
N HIS A 66 -12.24 6.37 -1.01
CA HIS A 66 -11.88 7.43 -0.06
C HIS A 66 -10.77 8.28 -0.66
N ASP A 67 -10.65 9.52 -0.16
CA ASP A 67 -9.66 10.47 -0.62
C ASP A 67 -8.22 9.95 -0.59
N LYS A 68 -7.88 9.17 0.43
CA LYS A 68 -6.50 8.71 0.60
C LYS A 68 -6.26 7.30 0.03
N LEU A 69 -7.18 6.85 -0.81
CA LEU A 69 -7.04 5.60 -1.56
C LEU A 69 -7.11 5.91 -3.05
N VAL A 70 -6.25 5.27 -3.83
CA VAL A 70 -6.26 5.44 -5.28
C VAL A 70 -7.63 5.02 -5.81
N ARG A 71 -8.29 5.93 -6.51
CA ARG A 71 -9.66 5.74 -6.95
C ARG A 71 -9.73 4.95 -8.24
N LEU A 72 -10.69 4.05 -8.32
CA LEU A 72 -11.01 3.36 -9.57
C LEU A 72 -11.87 4.29 -10.43
N TYR A 73 -11.58 4.34 -11.73
CA TYR A 73 -12.39 5.12 -12.66
C TYR A 73 -13.27 4.26 -13.56
N ALA A 74 -12.73 3.12 -14.00
CA ALA A 74 -13.43 2.23 -14.93
C ALA A 74 -12.65 0.95 -15.23
N VAL A 75 -13.29 0.03 -15.96
CA VAL A 75 -12.62 -1.18 -16.48
C VAL A 75 -12.94 -1.41 -17.97
N VAL A 76 -12.09 -2.17 -18.65
CA VAL A 76 -12.37 -2.68 -20.00
C VAL A 76 -12.29 -4.19 -19.94
N THR A 77 -13.43 -4.87 -19.99
CA THR A 77 -13.52 -6.32 -19.76
C THR A 77 -14.37 -7.06 -20.79
N LYS A 78 -14.33 -6.61 -22.04
CA LYS A 78 -15.23 -7.12 -23.06
C LYS A 78 -14.50 -8.03 -24.05
N GLU A 79 -13.21 -7.76 -24.27
CA GLU A 79 -12.38 -8.59 -25.12
C GLU A 79 -10.96 -8.68 -24.59
N GLU A 80 -10.11 -9.45 -25.27
CA GLU A 80 -9.07 -10.23 -24.61
C GLU A 80 -8.33 -9.39 -23.58
N PRO A 81 -7.75 -8.29 -24.03
CA PRO A 81 -6.81 -7.52 -23.20
C PRO A 81 -7.53 -6.69 -22.14
N ILE A 82 -7.46 -7.15 -20.89
CA ILE A 82 -8.28 -6.58 -19.83
C ILE A 82 -7.60 -5.37 -19.19
N TYR A 83 -8.34 -4.28 -19.05
CA TYR A 83 -7.80 -3.05 -18.43
C TYR A 83 -8.47 -2.71 -17.09
N ILE A 84 -7.66 -2.24 -16.13
CA ILE A 84 -8.18 -1.55 -14.94
C ILE A 84 -7.69 -0.08 -14.96
N ILE A 85 -8.64 0.84 -14.99
CA ILE A 85 -8.35 2.26 -15.12
C ILE A 85 -8.58 3.00 -13.80
N THR A 86 -7.54 3.70 -13.33
CA THR A 86 -7.64 4.44 -12.08
C THR A 86 -7.11 5.86 -12.16
N GLU A 87 -7.41 6.61 -11.09
CA GLU A 87 -6.79 7.88 -10.77
C GLU A 87 -5.27 7.80 -10.93
N PHE A 88 -4.69 8.80 -11.59
CA PHE A 88 -3.25 8.81 -11.85
C PHE A 88 -2.46 9.56 -10.78
N MET A 89 -1.39 8.93 -10.31
CA MET A 89 -0.51 9.50 -9.30
C MET A 89 0.83 9.80 -9.94
N ALA A 90 1.16 11.08 -10.03
CA ALA A 90 2.27 11.56 -10.85
C ALA A 90 3.66 11.09 -10.39
N LYS A 91 3.90 11.07 -9.09
CA LYS A 91 5.24 10.80 -8.55
C LYS A 91 5.61 9.32 -8.41
N GLY A 92 4.70 8.42 -8.80
CA GLY A 92 4.96 6.98 -8.67
C GLY A 92 4.86 6.51 -7.24
N SER A 93 5.48 5.37 -6.93
CA SER A 93 5.38 4.80 -5.59
C SER A 93 6.14 5.62 -4.55
N LEU A 94 5.69 5.57 -3.30
CA LEU A 94 6.34 6.28 -2.19
C LEU A 94 7.76 5.77 -1.95
N LEU A 95 7.93 4.46 -2.01
CA LEU A 95 9.25 3.83 -1.89
C LEU A 95 10.24 4.46 -2.88
N ASP A 96 9.92 4.39 -4.17
CA ASP A 96 10.81 4.88 -5.22
C ASP A 96 11.07 6.36 -5.05
N PHE A 97 10.02 7.08 -4.65
CA PHE A 97 10.10 8.52 -4.45
C PHE A 97 11.10 8.88 -3.36
N LEU A 98 11.04 8.15 -2.24
CA LEU A 98 11.93 8.38 -1.11
C LEU A 98 13.41 8.18 -1.47
N LYS A 99 13.66 7.22 -2.36
CA LYS A 99 15.02 6.88 -2.80
C LYS A 99 15.56 7.85 -3.85
N SER A 100 14.68 8.61 -4.51
CA SER A 100 15.09 9.59 -5.51
C SER A 100 15.73 10.81 -4.85
N ASP A 101 16.45 11.61 -5.66
CA ASP A 101 17.13 12.81 -5.17
C ASP A 101 16.16 13.84 -4.62
N GLU A 102 14.94 13.83 -5.15
CA GLU A 102 13.88 14.74 -4.70
C GLU A 102 13.36 14.36 -3.31
N GLY A 103 12.99 13.09 -3.16
CA GLY A 103 12.50 12.56 -1.89
C GLY A 103 13.55 12.63 -0.79
N GLY A 104 14.81 12.42 -1.16
CA GLY A 104 15.94 12.54 -0.24
C GLY A 104 16.14 13.96 0.28
N LYS A 105 15.41 14.92 -0.31
CA LYS A 105 15.42 16.30 0.15
C LYS A 105 14.18 16.66 0.97
N VAL A 106 13.22 15.73 1.02
CA VAL A 106 11.99 15.90 1.80
C VAL A 106 12.27 15.66 3.28
N LEU A 107 12.07 16.69 4.09
CA LEU A 107 12.42 16.64 5.52
C LEU A 107 11.38 15.96 6.41
N LEU A 108 11.72 15.81 7.68
CA LEU A 108 10.92 15.07 8.66
C LEU A 108 9.47 15.57 8.86
N PRO A 109 9.25 16.89 8.91
CA PRO A 109 7.86 17.35 9.03
C PRO A 109 6.95 16.77 7.94
N LYS A 110 7.45 16.76 6.70
CA LYS A 110 6.67 16.28 5.56
C LYS A 110 6.61 14.75 5.53
N LEU A 111 7.67 14.09 6.01
CA LEU A 111 7.67 12.63 6.11
C LEU A 111 6.60 12.15 7.08
N ILE A 112 6.47 12.84 8.20
CA ILE A 112 5.44 12.54 9.20
C ILE A 112 4.04 12.85 8.65
N ASP A 113 3.97 13.87 7.80
CA ASP A 113 2.74 14.18 7.07
C ASP A 113 2.34 13.02 6.15
N PHE A 114 3.31 12.48 5.41
CA PHE A 114 3.09 11.31 4.56
C PHE A 114 2.41 10.18 5.33
N SER A 115 3.01 9.81 6.44
CA SER A 115 2.56 8.68 7.25
C SER A 115 1.19 8.90 7.84
N ALA A 116 0.89 10.15 8.19
CA ALA A 116 -0.44 10.53 8.69
C ALA A 116 -1.51 10.36 7.62
N GLN A 117 -1.20 10.78 6.39
CA GLN A 117 -2.10 10.61 5.24
C GLN A 117 -2.45 9.14 5.02
N ILE A 118 -1.47 8.27 5.24
CA ILE A 118 -1.62 6.83 5.09
C ILE A 118 -2.44 6.25 6.23
N ALA A 119 -2.17 6.74 7.44
CA ALA A 119 -2.93 6.39 8.62
C ALA A 119 -4.39 6.82 8.49
N GLU A 120 -4.63 7.87 7.71
CA GLU A 120 -6.00 8.32 7.43
C GLU A 120 -6.72 7.34 6.49
N GLY A 121 -6.03 6.96 5.41
CA GLY A 121 -6.56 5.97 4.47
C GLY A 121 -6.85 4.65 5.14
N MET A 122 -5.96 4.26 6.06
CA MET A 122 -6.11 3.03 6.84
C MET A 122 -7.21 3.15 7.89
N ALA A 123 -7.48 4.37 8.35
CA ALA A 123 -8.58 4.63 9.27
C ALA A 123 -9.91 4.39 8.58
N TYR A 124 -9.95 4.64 7.27
CA TYR A 124 -11.16 4.41 6.48
C TYR A 124 -11.39 2.91 6.30
N ILE A 125 -10.32 2.21 5.94
CA ILE A 125 -10.34 0.76 5.72
C ILE A 125 -10.79 0.05 6.99
N GLU A 126 -10.25 0.51 8.11
CA GLU A 126 -10.63 0.03 9.43
C GLU A 126 -12.12 0.23 9.69
N ARG A 127 -12.60 1.44 9.38
CA ARG A 127 -13.98 1.86 9.61
C ARG A 127 -14.95 1.13 8.68
N LYS A 128 -14.43 0.70 7.52
CA LYS A 128 -15.22 0.03 6.50
C LYS A 128 -15.25 -1.50 6.73
N ASN A 129 -14.55 -1.96 7.78
CA ASN A 129 -14.43 -3.38 8.14
C ASN A 129 -13.64 -4.25 7.16
N TYR A 130 -12.66 -3.62 6.52
CA TYR A 130 -11.80 -4.31 5.56
C TYR A 130 -10.39 -4.46 6.12
N ILE A 131 -9.57 -5.29 5.45
CA ILE A 131 -8.15 -5.41 5.75
C ILE A 131 -7.37 -5.29 4.44
N HIS A 132 -6.16 -4.73 4.50
CA HIS A 132 -5.31 -4.56 3.31
C HIS A 132 -4.34 -5.74 3.11
N ARG A 133 -3.60 -6.08 4.17
CA ARG A 133 -2.67 -7.23 4.20
C ARG A 133 -1.37 -7.05 3.41
N ASP A 134 -1.27 -5.97 2.64
CA ASP A 134 -0.10 -5.71 1.80
C ASP A 134 0.34 -4.24 1.93
N LEU A 135 0.39 -3.74 3.17
CA LEU A 135 0.67 -2.33 3.42
C LEU A 135 2.17 -2.05 3.51
N ARG A 136 2.71 -1.45 2.47
CA ARG A 136 4.14 -1.12 2.42
C ARG A 136 4.37 0.07 1.50
N ALA A 137 5.55 0.70 1.61
CA ALA A 137 5.89 1.91 0.86
C ALA A 137 5.80 1.71 -0.64
N ALA A 138 6.04 0.49 -1.10
CA ALA A 138 5.94 0.16 -2.52
C ALA A 138 4.50 0.23 -3.02
N ASN A 139 3.54 0.12 -2.10
CA ASN A 139 2.12 0.09 -2.43
C ASN A 139 1.38 1.34 -2.00
N VAL A 140 2.12 2.43 -1.88
CA VAL A 140 1.56 3.75 -1.64
C VAL A 140 2.05 4.60 -2.81
N LEU A 141 1.18 5.46 -3.32
CA LEU A 141 1.55 6.27 -4.47
C LEU A 141 1.49 7.76 -4.15
N VAL A 142 2.35 8.54 -4.80
CA VAL A 142 2.46 9.98 -4.53
C VAL A 142 1.98 10.81 -5.73
N SER A 143 1.12 11.79 -5.45
CA SER A 143 0.62 12.69 -6.50
C SER A 143 1.58 13.86 -6.69
N GLU A 144 1.34 14.67 -7.73
CA GLU A 144 2.13 15.86 -7.98
C GLU A 144 2.15 16.78 -6.76
N SER A 145 0.98 17.02 -6.18
CA SER A 145 0.83 17.85 -4.98
C SER A 145 1.32 17.14 -3.70
N LEU A 146 2.05 16.04 -3.88
CA LEU A 146 2.61 15.22 -2.78
C LEU A 146 1.58 14.64 -1.80
N MET A 147 0.43 14.23 -2.32
CA MET A 147 -0.55 13.47 -1.55
C MET A 147 -0.21 11.99 -1.64
N CYS A 148 -0.18 11.31 -0.49
CA CYS A 148 0.03 9.87 -0.45
C CYS A 148 -1.30 9.13 -0.51
N LYS A 149 -1.36 8.11 -1.36
CA LYS A 149 -2.57 7.32 -1.48
C LYS A 149 -2.27 5.83 -1.52
N ILE A 150 -3.04 5.06 -0.75
CA ILE A 150 -2.91 3.60 -0.67
C ILE A 150 -3.30 2.95 -2.00
N ALA A 151 -2.43 2.07 -2.47
CA ALA A 151 -2.60 1.39 -3.75
C ALA A 151 -2.68 -0.12 -3.55
N ASP A 152 -2.65 -0.85 -4.65
CA ASP A 152 -2.51 -2.31 -4.66
C ASP A 152 -3.41 -3.06 -3.65
N PHE A 153 -4.65 -3.30 -4.05
CA PHE A 153 -5.64 -3.94 -3.18
C PHE A 153 -5.82 -5.43 -3.49
N GLY A 154 -4.77 -6.03 -4.08
CA GLY A 154 -4.80 -7.44 -4.46
C GLY A 154 -5.05 -8.38 -3.29
N LEU A 155 -4.42 -8.08 -2.15
CA LEU A 155 -4.54 -8.90 -0.95
C LEU A 155 -5.63 -8.44 0.02
N ALA A 156 -6.31 -7.34 -0.31
CA ALA A 156 -7.35 -6.77 0.55
C ALA A 156 -8.59 -7.66 0.65
N ARG A 157 -9.19 -7.73 1.83
CA ARG A 157 -10.39 -8.54 2.08
C ARG A 157 -11.36 -7.84 3.03
N VAL A 158 -12.64 -8.17 2.92
CA VAL A 158 -13.62 -7.81 3.95
C VAL A 158 -13.49 -8.85 5.09
N ILE A 159 -13.64 -8.41 6.34
CA ILE A 159 -13.50 -9.32 7.48
C ILE A 159 -14.72 -10.25 7.62
N GLU A 160 -14.48 -11.46 8.13
CA GLU A 160 -15.51 -12.49 8.36
C GLU A 160 -16.27 -12.87 7.09
N THR A 165 -8.13 -17.13 2.30
CA THR A 165 -8.52 -16.40 1.10
C THR A 165 -7.33 -15.61 0.53
N ALA A 166 -6.91 -16.00 -0.67
CA ALA A 166 -5.82 -15.33 -1.39
C ALA A 166 -5.99 -15.44 -2.92
N ARG A 167 -5.72 -14.34 -3.62
CA ARG A 167 -5.84 -14.27 -5.08
C ARG A 167 -4.62 -14.89 -5.77
N GLU A 168 -4.81 -15.33 -7.01
CA GLU A 168 -3.75 -15.99 -7.80
C GLU A 168 -2.42 -15.21 -7.83
N GLY A 169 -1.33 -15.92 -7.58
CA GLY A 169 0.01 -15.37 -7.78
C GLY A 169 0.37 -14.37 -6.70
N ALA A 170 -0.20 -14.55 -5.51
CA ALA A 170 -0.42 -13.44 -4.60
C ALA A 170 0.86 -13.08 -3.85
N LYS A 171 1.08 -13.76 -2.72
CA LYS A 171 2.35 -13.63 -1.99
C LYS A 171 2.29 -12.48 -1.00
N PHE A 172 2.40 -12.81 0.29
CA PHE A 172 2.45 -11.80 1.33
C PHE A 172 3.85 -11.23 1.49
N PRO A 173 3.93 -9.98 1.95
CA PRO A 173 5.21 -9.34 2.20
C PRO A 173 5.74 -9.75 3.58
N ILE A 174 6.48 -10.86 3.61
CA ILE A 174 6.90 -11.48 4.88
C ILE A 174 7.38 -10.45 5.91
N LYS A 175 8.31 -9.59 5.49
CA LYS A 175 8.95 -8.62 6.38
C LYS A 175 8.02 -7.52 6.90
N TRP A 176 6.83 -7.40 6.31
CA TRP A 176 5.82 -6.40 6.70
C TRP A 176 4.65 -7.02 7.46
N THR A 177 4.65 -8.35 7.59
CA THR A 177 3.51 -9.10 8.11
C THR A 177 3.67 -9.42 9.60
N ALA A 178 2.60 -9.19 10.38
CA ALA A 178 2.60 -9.47 11.83
C ALA A 178 2.84 -10.95 12.12
N PRO A 179 3.58 -11.26 13.22
CA PRO A 179 3.92 -12.65 13.52
C PRO A 179 2.69 -13.57 13.64
N GLU A 180 1.61 -13.07 14.25
CA GLU A 180 0.40 -13.87 14.43
C GLU A 180 -0.28 -14.18 13.08
N ALA A 181 -0.08 -13.30 12.10
CA ALA A 181 -0.57 -13.55 10.75
C ALA A 181 0.28 -14.60 10.02
N ILE A 182 1.59 -14.59 10.28
CA ILE A 182 2.51 -15.55 9.68
C ILE A 182 2.34 -16.93 10.30
N ASN A 183 2.36 -16.98 11.63
CA ASN A 183 2.39 -18.24 12.38
C ASN A 183 1.02 -18.89 12.58
N PHE A 184 -0.02 -18.07 12.71
CA PHE A 184 -1.35 -18.59 13.03
C PHE A 184 -2.39 -18.27 11.96
N GLY A 185 -1.96 -17.57 10.91
CA GLY A 185 -2.85 -17.23 9.79
C GLY A 185 -3.86 -16.16 10.13
N CYS A 186 -3.53 -15.34 11.11
CA CYS A 186 -4.48 -14.40 11.69
C CYS A 186 -4.30 -12.99 11.15
N PHE A 187 -4.99 -12.71 10.05
CA PHE A 187 -4.97 -11.38 9.49
C PHE A 187 -6.16 -10.60 10.02
N THR A 188 -5.87 -9.46 10.65
CA THR A 188 -6.89 -8.55 11.17
C THR A 188 -6.41 -7.13 10.88
N ILE A 189 -7.23 -6.14 11.20
CA ILE A 189 -6.80 -4.74 11.08
C ILE A 189 -5.58 -4.48 11.99
N LYS A 190 -5.44 -5.27 13.05
CA LYS A 190 -4.30 -5.14 13.95
C LYS A 190 -2.98 -5.64 13.33
N SER A 191 -3.07 -6.61 12.41
CA SER A 191 -1.87 -7.03 11.68
C SER A 191 -1.48 -5.99 10.64
N ASN A 192 -2.46 -5.24 10.13
CA ASN A 192 -2.16 -4.07 9.30
C ASN A 192 -1.44 -2.97 10.08
N VAL A 193 -1.79 -2.81 11.36
CA VAL A 193 -1.08 -1.84 12.22
C VAL A 193 0.41 -2.22 12.34
N TRP A 194 0.71 -3.51 12.51
CA TRP A 194 2.11 -3.98 12.45
C TRP A 194 2.75 -3.49 11.16
N SER A 195 2.11 -3.81 10.04
CA SER A 195 2.58 -3.39 8.72
C SER A 195 2.84 -1.89 8.66
N PHE A 196 1.92 -1.11 9.23
CA PHE A 196 2.04 0.34 9.24
C PHE A 196 3.30 0.80 9.99
N GLY A 197 3.61 0.13 11.09
CA GLY A 197 4.84 0.39 11.86
C GLY A 197 6.09 0.14 11.05
N ILE A 198 6.08 -0.95 10.27
CA ILE A 198 7.18 -1.26 9.35
C ILE A 198 7.24 -0.18 8.25
N LEU A 199 6.08 0.26 7.79
CA LEU A 199 5.98 1.35 6.81
C LEU A 199 6.56 2.66 7.34
N LEU A 200 6.43 2.89 8.65
CA LEU A 200 7.00 4.07 9.31
C LEU A 200 8.52 4.03 9.26
N TYR A 201 9.09 2.85 9.52
CA TYR A 201 10.53 2.63 9.40
C TYR A 201 11.01 2.95 7.98
N GLU A 202 10.23 2.51 6.99
CA GLU A 202 10.54 2.76 5.57
C GLU A 202 10.57 4.23 5.21
N ILE A 203 9.68 5.00 5.85
CA ILE A 203 9.57 6.45 5.59
C ILE A 203 10.75 7.21 6.20
N VAL A 204 11.09 6.89 7.46
CA VAL A 204 12.12 7.63 8.17
C VAL A 204 13.55 7.31 7.68
N THR A 205 13.74 6.12 7.10
CA THR A 205 15.05 5.70 6.64
C THR A 205 15.25 5.97 5.14
N TYR A 206 14.20 6.53 4.51
CA TYR A 206 14.18 6.84 3.07
C TYR A 206 14.21 5.57 2.22
N GLY A 207 13.25 4.68 2.47
CA GLY A 207 13.03 3.53 1.62
C GLY A 207 13.98 2.36 1.80
N LYS A 208 14.65 2.31 2.95
CA LYS A 208 15.49 1.17 3.28
C LYS A 208 14.66 -0.09 3.48
N ILE A 209 15.23 -1.25 3.16
CA ILE A 209 14.56 -2.53 3.38
C ILE A 209 14.47 -2.80 4.89
N PRO A 210 13.33 -3.33 5.36
CA PRO A 210 13.25 -3.84 6.73
C PRO A 210 14.33 -4.89 7.06
N TYR A 211 14.83 -4.85 8.30
CA TYR A 211 15.85 -5.77 8.81
C TYR A 211 17.00 -5.96 7.83
N PRO A 212 17.83 -4.91 7.63
CA PRO A 212 18.90 -4.95 6.64
C PRO A 212 19.78 -6.19 6.76
N GLY A 213 20.07 -6.82 5.63
CA GLY A 213 20.95 -7.99 5.60
C GLY A 213 20.43 -9.27 6.25
N ARG A 214 19.17 -9.24 6.69
CA ARG A 214 18.53 -10.42 7.26
C ARG A 214 17.57 -11.06 6.28
N THR A 215 17.56 -12.39 6.26
CA THR A 215 16.70 -13.17 5.37
C THR A 215 15.30 -13.25 5.99
N ASN A 216 14.27 -13.55 5.18
CA ASN A 216 12.91 -13.68 5.71
C ASN A 216 12.83 -14.67 6.86
N ALA A 217 13.50 -15.81 6.71
CA ALA A 217 13.50 -16.84 7.73
C ALA A 217 14.21 -16.41 9.04
N ASP A 218 15.28 -15.63 8.91
CA ASP A 218 15.96 -15.05 10.07
C ASP A 218 15.03 -14.09 10.78
N VAL A 219 14.27 -13.32 10.00
CA VAL A 219 13.28 -12.39 10.53
C VAL A 219 12.19 -13.12 11.31
N MET A 220 11.55 -14.10 10.68
CA MET A 220 10.51 -14.91 11.34
C MET A 220 11.03 -15.50 12.66
N SER A 221 12.21 -16.12 12.61
CA SER A 221 12.87 -16.69 13.77
C SER A 221 13.21 -15.66 14.85
N ALA A 222 13.71 -14.51 14.44
CA ALA A 222 14.10 -13.44 15.36
C ALA A 222 12.89 -12.83 16.08
N LEU A 223 11.78 -12.68 15.36
CA LEU A 223 10.55 -12.10 15.92
C LEU A 223 9.93 -12.98 17.00
N SER A 224 9.92 -14.30 16.77
CA SER A 224 9.45 -15.25 17.76
C SER A 224 10.34 -15.27 19.02
N GLN A 225 11.54 -14.72 18.90
CA GLN A 225 12.50 -14.57 20.00
C GLN A 225 12.39 -13.19 20.66
N GLY A 226 11.49 -12.36 20.14
CA GLY A 226 11.23 -11.04 20.74
C GLY A 226 12.10 -9.91 20.22
N TYR A 227 12.61 -10.07 18.99
CA TYR A 227 13.40 -9.02 18.35
C TYR A 227 12.48 -7.96 17.73
N ARG A 228 12.80 -6.70 17.98
CA ARG A 228 12.27 -5.58 17.20
C ARG A 228 13.47 -4.80 16.71
N MET A 229 13.33 -4.12 15.58
CA MET A 229 14.40 -3.25 15.07
C MET A 229 14.74 -2.17 16.10
N PRO A 230 16.03 -1.98 16.40
CA PRO A 230 16.43 -0.92 17.33
C PRO A 230 16.14 0.45 16.72
N ARG A 231 16.10 1.47 17.57
CA ARG A 231 15.87 2.85 17.13
C ARG A 231 16.79 3.21 15.97
N MET A 232 16.20 3.73 14.89
CA MET A 232 16.96 4.07 13.69
C MET A 232 17.65 5.41 13.86
N GLU A 233 18.81 5.55 13.22
CA GLU A 233 19.54 6.81 13.21
C GLU A 233 18.67 7.93 12.61
N ASN A 234 18.68 9.09 13.26
CA ASN A 234 17.85 10.24 12.86
C ASN A 234 16.33 9.95 12.85
N CYS A 235 15.85 9.38 13.94
CA CYS A 235 14.43 9.14 14.18
C CYS A 235 14.13 9.47 15.64
N PRO A 236 13.35 10.55 15.88
CA PRO A 236 13.09 11.02 17.24
C PRO A 236 12.34 10.00 18.10
N ASP A 237 12.67 9.96 19.38
CA ASP A 237 12.08 9.03 20.34
C ASP A 237 10.56 8.91 20.18
N GLU A 238 9.89 10.05 20.06
CA GLU A 238 8.42 10.10 19.96
C GLU A 238 7.90 9.33 18.77
N LEU A 239 8.66 9.35 17.68
CA LEU A 239 8.29 8.60 16.48
C LEU A 239 8.56 7.11 16.69
N TYR A 240 9.66 6.79 17.35
CA TYR A 240 10.01 5.39 17.62
C TYR A 240 9.00 4.70 18.55
N ASP A 241 8.45 5.46 19.50
CA ASP A 241 7.41 4.98 20.42
C ASP A 241 6.12 4.62 19.67
N ILE A 242 5.87 5.33 18.57
CA ILE A 242 4.72 5.06 17.71
C ILE A 242 4.95 3.77 16.92
N MET A 243 6.16 3.59 16.40
CA MET A 243 6.54 2.34 15.73
C MET A 243 6.43 1.19 16.71
N LYS A 244 6.89 1.42 17.93
CA LYS A 244 6.96 0.38 18.95
C LYS A 244 5.55 -0.09 19.33
N MET A 245 4.63 0.87 19.38
CA MET A 245 3.21 0.59 19.64
C MET A 245 2.61 -0.32 18.58
N CYS A 246 3.05 -0.13 17.34
CA CYS A 246 2.58 -0.93 16.21
C CYS A 246 3.14 -2.34 16.21
N TRP A 247 4.28 -2.54 16.88
CA TRP A 247 4.92 -3.84 16.90
C TRP A 247 4.71 -4.58 18.23
N LYS A 248 3.68 -4.19 18.96
CA LYS A 248 3.34 -4.84 20.21
C LYS A 248 3.05 -6.32 19.95
N GLU A 249 3.73 -7.21 20.65
CA GLU A 249 3.54 -8.65 20.52
C GLU A 249 2.07 -9.07 20.55
N LYS A 250 1.35 -8.53 21.52
CA LYS A 250 -0.06 -8.85 21.73
C LYS A 250 -0.90 -7.94 20.84
N ALA A 251 -1.48 -8.53 19.78
CA ALA A 251 -2.24 -7.80 18.76
C ALA A 251 -3.24 -6.80 19.33
N GLU A 252 -3.99 -7.23 20.35
CA GLU A 252 -5.05 -6.43 20.95
C GLU A 252 -4.52 -5.16 21.63
N GLU A 253 -3.21 -5.11 21.83
CA GLU A 253 -2.56 -4.01 22.54
C GLU A 253 -1.86 -3.04 21.58
N ARG A 254 -2.13 -3.21 20.29
CA ARG A 254 -1.65 -2.29 19.26
C ARG A 254 -2.73 -1.23 19.02
N PRO A 255 -2.32 0.02 18.71
CA PRO A 255 -3.28 1.11 18.62
C PRO A 255 -4.19 1.04 17.39
N THR A 256 -5.27 1.80 17.43
CA THR A 256 -6.17 1.91 16.30
C THR A 256 -5.57 2.87 15.29
N PHE A 257 -5.98 2.75 14.02
CA PHE A 257 -5.52 3.65 12.97
C PHE A 257 -6.03 5.06 13.14
N ASP A 258 -7.18 5.17 13.81
CA ASP A 258 -7.73 6.47 14.18
C ASP A 258 -6.81 7.19 15.16
N TYR A 259 -6.21 6.41 16.07
CA TYR A 259 -5.26 6.92 17.07
C TYR A 259 -3.97 7.39 16.40
N LEU A 260 -3.51 6.61 15.43
CA LEU A 260 -2.26 6.90 14.72
C LEU A 260 -2.38 8.16 13.86
N GLN A 261 -3.48 8.27 13.12
CA GLN A 261 -3.78 9.46 12.33
C GLN A 261 -3.82 10.70 13.22
N SER A 262 -4.43 10.56 14.39
CA SER A 262 -4.56 11.65 15.34
C SER A 262 -3.19 12.06 15.89
N VAL A 263 -2.45 11.10 16.41
CA VAL A 263 -1.17 11.34 17.06
C VAL A 263 -0.08 11.85 16.10
N LEU A 264 -0.13 11.38 14.85
CA LEU A 264 0.77 11.86 13.80
C LEU A 264 0.39 13.24 13.26
N ASP A 265 -0.91 13.48 13.12
CA ASP A 265 -1.41 14.81 12.81
C ASP A 265 -1.08 15.79 13.94
N ASP A 266 -0.43 15.30 14.98
CA ASP A 266 -0.34 16.00 16.26
C ASP A 266 1.08 16.00 16.80
N PHE A 267 2.05 15.84 15.90
CA PHE A 267 3.42 15.56 16.30
C PHE A 267 4.34 16.73 15.98
N TYR A 268 3.80 17.73 15.30
CA TYR A 268 4.59 18.87 14.85
C TYR A 268 6.02 18.46 14.51
N THR A 269 6.16 17.69 13.44
CA THR A 269 7.31 17.83 12.55
C THR A 269 8.28 16.67 12.71
C1 1N1 B . -1.75 5.04 -10.30
C2 1N1 B . -1.32 3.71 -10.44
C3 1N1 B . -1.97 2.38 -10.21
N6 1N1 B . 8.54 8.27 -12.05
C7 1N1 B . -5.40 -1.23 -9.77
C8 1N1 B . -5.09 -0.67 -11.02
C9 1N1 B . -4.38 0.53 -11.11
C10 1N1 B . -4.08 1.09 -12.48
C11 1N1 B . 2.74 5.68 -11.58
C12 1N1 B . 3.78 6.54 -11.97
C13 1N1 B . 5.06 6.03 -12.17
C14 1N1 B . 4.26 3.87 -11.62
C15 1N1 B . 4.52 2.40 -11.42
C16 1N1 B . 7.40 6.26 -13.01
C19 1N1 B . 6.04 8.32 -12.59
C20 1N1 B . 9.80 8.98 -11.83
C21 1N1 B . 10.61 9.04 -13.12
N 1N1 B . 1.48 6.17 -11.38
C 1N1 B . 0.38 5.42 -10.99
N1 1N1 B . -0.79 5.98 -10.62
S 1N1 B . 0.32 3.69 -10.98
N2 1N1 B . -3.28 2.35 -9.98
C4 1N1 B . -3.97 1.17 -9.93
C5 1N1 B . -4.27 0.61 -8.70
C6 1N1 B . -4.98 -0.59 -8.61
CL 1N1 B . -3.75 1.44 -7.19
O 1N1 B . -1.29 1.36 -10.24
N3 1N1 B . 5.27 4.70 -11.99
N4 1N1 B . 3.02 4.37 -11.42
N5 1N1 B . 6.14 6.86 -12.58
C17 1N1 B . 8.57 6.81 -12.18
C18 1N1 B . 7.30 9.05 -12.10
O1 1N1 B . 9.92 9.86 -14.08
#